data_7DQL
#
_entry.id   7DQL
#
_cell.length_a   61.491
_cell.length_b   67.880
_cell.length_c   102.598
_cell.angle_alpha   90.00
_cell.angle_beta   90.00
_cell.angle_gamma   90.00
#
_symmetry.space_group_name_H-M   'P 21 21 21'
#
loop_
_entity.id
_entity.type
_entity.pdbx_description
1 polymer 'DNA gyrase subunit B'
2 non-polymer 1H-benzimidazol-2-amine
3 non-polymer 4-CHLOROBENZENE-1,2-DIOL
4 non-polymer 'PHOSPHATE ION'
5 water water
#
_entity_poly.entity_id   1
_entity_poly.type   'polypeptide(L)'
_entity_poly.pdbx_seq_one_letter_code
;LDAVRKRPGMYIGDTDDGTGLHHMVFEVVDNAIDEALAGHCKEIIVTIHADNSVSVQDDGRGIPTGIHPEEGVSAAEVIM
TVLHAGGKFDDNSYKVSGGLHGVGVSVVNALSQKLELVIQREGKIHRQIYEHGVPQAPLAVTGETEKTGTMVRFWPSLET
FTNVTEFEYEILAKRLRELSFLNSGVSIRLRDKRDGKEDHFHYEGG
;
_entity_poly.pdbx_strand_id   A,B
#
# COMPACT_ATOMS: atom_id res chain seq x y z
N LEU A 1 -7.22 3.33 4.43
CA LEU A 1 -7.39 2.31 3.33
C LEU A 1 -6.77 0.94 3.61
N ASP A 2 -5.87 0.82 4.59
CA ASP A 2 -5.20 -0.46 4.89
C ASP A 2 -6.15 -1.60 5.29
N ALA A 3 -7.29 -1.26 5.91
CA ALA A 3 -8.33 -2.26 6.20
C ALA A 3 -8.87 -2.93 4.92
N VAL A 4 -8.99 -2.14 3.84
CA VAL A 4 -9.43 -2.66 2.54
C VAL A 4 -8.33 -3.51 1.90
N ARG A 5 -7.10 -3.01 1.94
CA ARG A 5 -5.94 -3.72 1.37
C ARG A 5 -5.69 -5.06 2.07
N LYS A 6 -5.97 -5.10 3.37
CA LYS A 6 -5.77 -6.30 4.19
C LYS A 6 -6.75 -7.43 3.85
N ARG A 7 -8.00 -7.08 3.54
CA ARG A 7 -9.05 -8.06 3.23
C ARG A 7 -9.89 -7.57 2.03
N PRO A 8 -9.29 -7.54 0.81
CA PRO A 8 -9.98 -6.98 -0.36
C PRO A 8 -11.31 -7.65 -0.68
N GLY A 9 -11.35 -8.98 -0.58
CA GLY A 9 -12.55 -9.77 -0.82
C GLY A 9 -13.77 -9.39 0.02
N MET A 10 -13.54 -8.97 1.26
CA MET A 10 -14.62 -8.54 2.16
C MET A 10 -15.29 -7.22 1.75
N TYR A 11 -14.59 -6.38 0.99
CA TYR A 11 -15.12 -5.10 0.51
C TYR A 11 -15.63 -5.15 -0.93
N ILE A 12 -14.84 -5.73 -1.82
CA ILE A 12 -15.15 -5.73 -3.26
C ILE A 12 -15.84 -7.02 -3.77
N GLY A 13 -15.63 -8.13 -3.06
CA GLY A 13 -16.11 -9.45 -3.51
C GLY A 13 -14.95 -10.29 -3.98
N ASP A 14 -15.24 -11.54 -4.37
CA ASP A 14 -14.22 -12.54 -4.67
C ASP A 14 -13.22 -12.06 -5.74
N THR A 15 -11.95 -12.04 -5.38
CA THR A 15 -10.88 -11.50 -6.22
C THR A 15 -10.28 -12.53 -7.20
N ASP A 16 -10.76 -13.77 -7.18
CA ASP A 16 -10.27 -14.84 -8.06
C ASP A 16 -11.22 -15.18 -9.21
N ASP A 17 -12.52 -15.24 -8.95
CA ASP A 17 -13.51 -15.66 -9.98
C ASP A 17 -14.04 -14.55 -10.91
N GLY A 18 -13.60 -13.31 -10.72
CA GLY A 18 -14.02 -12.18 -11.55
C GLY A 18 -15.16 -11.33 -10.99
N THR A 19 -15.77 -11.75 -9.88
CA THR A 19 -16.85 -11.01 -9.23
C THR A 19 -16.37 -9.66 -8.70
N GLY A 20 -15.29 -9.70 -7.93
CA GLY A 20 -14.66 -8.50 -7.39
C GLY A 20 -14.20 -7.53 -8.47
N LEU A 21 -13.56 -8.07 -9.51
CA LEU A 21 -13.06 -7.28 -10.63
C LEU A 21 -14.15 -6.41 -11.27
N HIS A 22 -15.31 -7.02 -11.53
CA HIS A 22 -16.42 -6.32 -12.16
C HIS A 22 -17.17 -5.37 -11.21
N HIS A 23 -17.21 -5.72 -9.92
CA HIS A 23 -17.77 -4.82 -8.89
C HIS A 23 -17.00 -3.50 -8.78
N MET A 24 -15.70 -3.52 -9.12
CA MET A 24 -14.88 -2.29 -9.19
C MET A 24 -15.51 -1.28 -10.13
N VAL A 25 -15.92 -1.74 -11.32
CA VAL A 25 -16.58 -0.89 -12.31
C VAL A 25 -17.93 -0.41 -11.76
N PHE A 26 -18.72 -1.32 -11.18
CA PHE A 26 -20.07 -0.98 -10.71
C PHE A 26 -20.07 0.05 -9.58
N GLU A 27 -19.05 0.00 -8.72
CA GLU A 27 -18.90 0.97 -7.65
C GLU A 27 -18.66 2.39 -8.19
N VAL A 28 -17.79 2.51 -9.19
CA VAL A 28 -17.50 3.79 -9.83
C VAL A 28 -18.74 4.30 -10.56
N VAL A 29 -19.44 3.38 -11.23
CA VAL A 29 -20.67 3.71 -11.97
C VAL A 29 -21.76 4.30 -11.06
N ASP A 30 -21.91 3.76 -9.85
CA ASP A 30 -22.86 4.30 -8.85
C ASP A 30 -22.63 5.78 -8.57
N ASN A 31 -21.38 6.17 -8.41
CA ASN A 31 -21.02 7.58 -8.14
C ASN A 31 -21.21 8.44 -9.39
N ALA A 32 -20.90 7.88 -10.57
CA ALA A 32 -21.12 8.55 -11.84
C ALA A 32 -22.61 8.82 -12.11
N ILE A 33 -23.47 7.87 -11.76
CA ILE A 33 -24.94 8.05 -11.89
C ILE A 33 -25.47 9.18 -10.99
N ASP A 34 -25.04 9.21 -9.73
CA ASP A 34 -25.43 10.28 -8.80
C ASP A 34 -25.06 11.67 -9.35
N GLU A 35 -23.83 11.78 -9.87
CA GLU A 35 -23.36 13.02 -10.50
C GLU A 35 -24.10 13.36 -11.79
N ALA A 36 -24.38 12.34 -12.60
CA ALA A 36 -25.11 12.53 -13.87
C ALA A 36 -26.53 13.07 -13.64
N LEU A 37 -27.22 12.53 -12.64
CA LEU A 37 -28.58 12.97 -12.26
C LEU A 37 -28.66 14.46 -11.88
N ALA A 38 -27.63 14.95 -11.19
CA ALA A 38 -27.59 16.35 -10.74
C ALA A 38 -27.26 17.36 -11.85
N GLY A 39 -26.78 16.89 -13.00
CA GLY A 39 -26.51 17.74 -14.16
C GLY A 39 -27.65 17.78 -15.16
N HIS A 40 -27.42 18.47 -16.28
CA HIS A 40 -28.47 18.73 -17.28
C HIS A 40 -28.59 17.63 -18.33
N CYS A 41 -27.46 17.25 -18.93
CA CYS A 41 -27.44 16.28 -20.05
C CYS A 41 -27.71 14.84 -19.61
N LYS A 42 -27.20 14.46 -18.43
CA LYS A 42 -27.46 13.16 -17.79
C LYS A 42 -26.98 11.97 -18.63
N GLU A 43 -25.67 11.94 -18.92
CA GLU A 43 -25.05 10.83 -19.67
C GLU A 43 -23.79 10.34 -18.97
N ILE A 44 -23.59 9.02 -19.02
CA ILE A 44 -22.39 8.36 -18.54
C ILE A 44 -21.80 7.52 -19.68
N ILE A 45 -20.48 7.48 -19.76
CA ILE A 45 -19.78 6.63 -20.73
C ILE A 45 -18.82 5.72 -19.96
N VAL A 46 -18.99 4.41 -20.11
CA VAL A 46 -18.09 3.41 -19.55
C VAL A 46 -17.28 2.84 -20.71
N THR A 47 -15.96 2.97 -20.64
CA THR A 47 -15.07 2.52 -21.72
C THR A 47 -14.10 1.46 -21.21
N ILE A 48 -14.10 0.30 -21.87
CA ILE A 48 -13.09 -0.74 -21.62
C ILE A 48 -11.94 -0.46 -22.59
N HIS A 49 -10.76 -0.17 -22.04
CA HIS A 49 -9.58 0.17 -22.85
C HIS A 49 -8.78 -1.09 -23.19
N ALA A 50 -7.95 -0.98 -24.22
CA ALA A 50 -7.14 -2.11 -24.71
C ALA A 50 -6.15 -2.65 -23.68
N ASP A 51 -5.61 -1.75 -22.85
CA ASP A 51 -4.65 -2.12 -21.79
C ASP A 51 -5.30 -2.65 -20.48
N ASN A 52 -6.56 -3.06 -20.56
CA ASN A 52 -7.29 -3.66 -19.43
C ASN A 52 -7.52 -2.69 -18.26
N SER A 53 -7.81 -1.44 -18.60
CA SER A 53 -8.30 -0.45 -17.65
C SER A 53 -9.72 -0.07 -18.06
N VAL A 54 -10.47 0.50 -17.12
CA VAL A 54 -11.83 0.97 -17.39
C VAL A 54 -11.93 2.43 -16.95
N SER A 55 -12.54 3.25 -17.80
CA SER A 55 -12.82 4.64 -17.47
C SER A 55 -14.33 4.88 -17.41
N VAL A 56 -14.76 5.63 -16.40
CA VAL A 56 -16.15 6.00 -16.22
C VAL A 56 -16.21 7.51 -16.12
N GLN A 57 -16.98 8.13 -17.02
CA GLN A 57 -17.11 9.59 -17.07
C GLN A 57 -18.57 9.98 -17.02
N ASP A 58 -18.85 11.10 -16.35
CA ASP A 58 -20.17 11.73 -16.38
C ASP A 58 -20.04 13.18 -16.86
N ASP A 59 -21.17 13.77 -17.22
CA ASP A 59 -21.23 15.18 -17.63
C ASP A 59 -22.01 16.03 -16.61
N GLY A 60 -21.83 15.72 -15.33
CA GLY A 60 -22.48 16.44 -14.24
C GLY A 60 -21.73 17.70 -13.85
N ARG A 61 -21.92 18.14 -12.61
CA ARG A 61 -21.33 19.40 -12.11
C ARG A 61 -19.81 19.31 -11.84
N GLY A 62 -19.28 18.10 -11.69
CA GLY A 62 -17.91 17.90 -11.22
C GLY A 62 -17.91 17.76 -9.71
N ILE A 63 -17.26 16.72 -9.20
CA ILE A 63 -17.16 16.53 -7.74
C ILE A 63 -16.35 17.68 -7.10
N PRO A 64 -16.65 18.02 -5.82
CA PRO A 64 -16.01 19.19 -5.21
C PRO A 64 -14.49 19.13 -5.14
N THR A 65 -13.84 20.26 -5.46
CA THR A 65 -12.37 20.36 -5.51
C THR A 65 -11.75 21.11 -4.32
N GLY A 66 -12.54 21.93 -3.62
CA GLY A 66 -12.03 22.75 -2.52
C GLY A 66 -11.49 21.95 -1.35
N ILE A 67 -10.67 22.61 -0.52
CA ILE A 67 -10.01 21.95 0.61
C ILE A 67 -11.03 21.58 1.68
N HIS A 68 -10.98 20.33 2.14
CA HIS A 68 -11.85 19.86 3.22
C HIS A 68 -11.28 20.41 4.54
N PRO A 69 -12.10 21.16 5.31
CA PRO A 69 -11.57 21.82 6.52
C PRO A 69 -11.03 20.87 7.59
N GLU A 70 -11.65 19.71 7.74
CA GLU A 70 -11.20 18.69 8.70
C GLU A 70 -9.94 17.96 8.22
N GLU A 71 -10.00 17.39 7.03
CA GLU A 71 -8.93 16.54 6.49
C GLU A 71 -7.71 17.33 5.98
N GLY A 72 -7.94 18.56 5.53
CA GLY A 72 -6.86 19.43 5.06
C GLY A 72 -6.30 19.09 3.68
N VAL A 73 -7.10 18.41 2.87
CA VAL A 73 -6.78 18.13 1.45
C VAL A 73 -8.06 18.37 0.64
N SER A 74 -7.95 18.28 -0.69
CA SER A 74 -9.11 18.47 -1.57
C SER A 74 -10.23 17.50 -1.22
N ALA A 75 -11.47 17.98 -1.31
CA ALA A 75 -12.66 17.15 -1.07
C ALA A 75 -12.68 15.91 -1.97
N ALA A 76 -12.17 16.06 -3.19
CA ALA A 76 -12.00 14.94 -4.12
C ALA A 76 -11.08 13.87 -3.55
N GLU A 77 -9.94 14.28 -2.99
CA GLU A 77 -9.00 13.33 -2.35
C GLU A 77 -9.63 12.63 -1.15
N VAL A 78 -10.46 13.33 -0.37
CA VAL A 78 -11.17 12.72 0.76
C VAL A 78 -12.08 11.60 0.26
N ILE A 79 -12.79 11.84 -0.84
CA ILE A 79 -13.66 10.84 -1.46
C ILE A 79 -12.84 9.63 -1.96
N MET A 80 -11.65 9.88 -2.51
CA MET A 80 -10.79 8.81 -3.01
C MET A 80 -10.02 8.04 -1.95
N THR A 81 -9.85 8.59 -0.74
CA THR A 81 -8.96 8.01 0.29
C THR A 81 -9.59 7.71 1.67
N VAL A 82 -10.84 8.07 1.90
CA VAL A 82 -11.50 7.86 3.20
C VAL A 82 -12.75 6.98 3.01
N LEU A 83 -12.93 6.01 3.91
CA LEU A 83 -14.08 5.10 3.87
C LEU A 83 -15.36 5.80 4.32
N GLY A 102 -23.60 0.66 -0.89
CA GLY A 102 -22.35 0.92 -1.59
C GLY A 102 -21.15 0.98 -0.65
N VAL A 103 -19.98 0.60 -1.18
CA VAL A 103 -18.72 0.59 -0.40
C VAL A 103 -17.78 1.78 -0.67
N GLY A 104 -18.15 2.66 -1.60
CA GLY A 104 -17.35 3.85 -1.95
C GLY A 104 -16.27 3.61 -3.00
N VAL A 105 -15.98 4.66 -3.78
CA VAL A 105 -14.86 4.64 -4.76
C VAL A 105 -13.47 4.52 -4.11
N SER A 106 -13.38 4.86 -2.82
CA SER A 106 -12.12 4.69 -2.07
C SER A 106 -11.64 3.22 -2.05
N VAL A 107 -12.59 2.29 -2.04
CA VAL A 107 -12.28 0.85 -2.14
C VAL A 107 -11.66 0.55 -3.51
N VAL A 108 -12.24 1.11 -4.57
CA VAL A 108 -11.75 0.91 -5.93
C VAL A 108 -10.33 1.49 -6.08
N ASN A 109 -10.11 2.66 -5.49
CA ASN A 109 -8.82 3.34 -5.50
C ASN A 109 -7.74 2.50 -4.78
N ALA A 110 -8.08 1.99 -3.60
CA ALA A 110 -7.17 1.15 -2.80
C ALA A 110 -6.73 -0.12 -3.54
N LEU A 111 -7.61 -0.68 -4.36
CA LEU A 111 -7.34 -1.93 -5.09
C LEU A 111 -6.97 -1.72 -6.56
N SER A 112 -6.61 -0.49 -6.93
CA SER A 112 -6.16 -0.17 -8.29
C SER A 112 -4.68 0.17 -8.26
N GLN A 113 -3.89 -0.53 -9.06
CA GLN A 113 -2.46 -0.22 -9.18
C GLN A 113 -2.19 1.20 -9.74
N LYS A 114 -3.13 1.70 -10.55
CA LYS A 114 -3.16 3.12 -10.90
C LYS A 114 -4.60 3.62 -11.04
N LEU A 115 -4.84 4.87 -10.68
CA LEU A 115 -6.13 5.53 -10.88
C LEU A 115 -5.92 6.98 -11.27
N GLU A 116 -6.54 7.38 -12.39
CA GLU A 116 -6.47 8.75 -12.89
C GLU A 116 -7.80 9.43 -12.65
N LEU A 117 -7.77 10.58 -11.96
CA LEU A 117 -8.96 11.38 -11.69
C LEU A 117 -8.88 12.67 -12.50
N VAL A 118 -9.96 13.00 -13.20
CA VAL A 118 -10.08 14.27 -13.96
C VAL A 118 -11.42 14.92 -13.63
N ILE A 119 -11.38 16.14 -13.10
CA ILE A 119 -12.59 16.88 -12.71
C ILE A 119 -12.66 18.20 -13.49
N GLN A 120 -13.76 18.40 -14.20
CA GLN A 120 -14.03 19.66 -14.91
C GLN A 120 -15.12 20.40 -14.14
N ARG A 121 -14.77 21.56 -13.58
CA ARG A 121 -15.62 22.27 -12.64
C ARG A 121 -15.21 23.74 -12.52
N GLU A 122 -16.20 24.64 -12.51
CA GLU A 122 -15.97 26.08 -12.31
C GLU A 122 -14.91 26.67 -13.26
N GLY A 123 -15.01 26.29 -14.54
CA GLY A 123 -14.12 26.79 -15.58
C GLY A 123 -12.71 26.20 -15.64
N LYS A 124 -12.44 25.17 -14.84
CA LYS A 124 -11.08 24.63 -14.68
C LYS A 124 -11.05 23.11 -14.77
N ILE A 125 -9.95 22.57 -15.34
CA ILE A 125 -9.68 21.14 -15.39
C ILE A 125 -8.74 20.80 -14.25
N HIS A 126 -9.11 19.83 -13.42
CA HIS A 126 -8.29 19.36 -12.29
C HIS A 126 -7.87 17.93 -12.56
N ARG A 127 -6.63 17.60 -12.21
CA ARG A 127 -6.10 16.24 -12.42
C ARG A 127 -5.36 15.74 -11.19
N GLN A 128 -5.44 14.42 -10.97
CA GLN A 128 -4.70 13.76 -9.90
C GLN A 128 -4.50 12.29 -10.26
N ILE A 129 -3.35 11.75 -9.87
CA ILE A 129 -3.01 10.35 -10.11
C ILE A 129 -2.78 9.66 -8.77
N TYR A 130 -3.34 8.45 -8.64
CA TYR A 130 -3.14 7.59 -7.49
C TYR A 130 -2.47 6.30 -7.94
N GLU A 131 -1.72 5.68 -7.02
CA GLU A 131 -1.16 4.35 -7.20
C GLU A 131 -1.41 3.54 -5.93
N HIS A 132 -2.20 2.47 -6.05
CA HIS A 132 -2.62 1.65 -4.89
C HIS A 132 -3.28 2.48 -3.78
N GLY A 133 -4.05 3.48 -4.19
CA GLY A 133 -4.73 4.39 -3.25
C GLY A 133 -3.92 5.55 -2.70
N VAL A 134 -2.65 5.67 -3.12
CA VAL A 134 -1.74 6.70 -2.61
C VAL A 134 -1.68 7.83 -3.64
N PRO A 135 -2.08 9.06 -3.25
CA PRO A 135 -1.96 10.17 -4.21
C PRO A 135 -0.50 10.51 -4.50
N GLN A 136 -0.16 10.66 -5.78
CA GLN A 136 1.21 10.98 -6.19
C GLN A 136 1.51 12.47 -6.05
N ALA A 137 0.48 13.29 -6.19
CA ALA A 137 0.55 14.72 -5.89
C ALA A 137 -0.83 15.23 -5.48
N PRO A 138 -0.92 16.46 -4.95
CA PRO A 138 -2.24 17.04 -4.69
C PRO A 138 -3.04 17.29 -5.97
N LEU A 139 -4.37 17.26 -5.87
CA LEU A 139 -5.25 17.66 -6.97
C LEU A 139 -4.81 19.03 -7.47
N ALA A 140 -4.56 19.13 -8.77
CA ALA A 140 -3.95 20.32 -9.37
C ALA A 140 -4.75 20.81 -10.56
N VAL A 141 -4.88 22.14 -10.68
CA VAL A 141 -5.49 22.77 -11.85
C VAL A 141 -4.51 22.69 -13.01
N THR A 142 -4.90 22.02 -14.09
CA THR A 142 -4.04 21.82 -15.27
C THR A 142 -4.45 22.63 -16.51
N GLY A 143 -5.58 23.35 -16.44
CA GLY A 143 -6.05 24.13 -17.59
C GLY A 143 -7.45 24.68 -17.42
N GLU A 144 -7.97 25.27 -18.50
CA GLU A 144 -9.31 25.85 -18.53
C GLU A 144 -10.24 25.04 -19.42
N THR A 145 -11.54 25.13 -19.14
CA THR A 145 -12.56 24.41 -19.90
C THR A 145 -13.94 25.00 -19.69
N GLU A 146 -14.79 24.87 -20.70
CA GLU A 146 -16.21 25.24 -20.59
C GLU A 146 -17.06 24.07 -20.10
N LYS A 147 -16.60 22.84 -20.31
CA LYS A 147 -17.35 21.64 -19.94
C LYS A 147 -17.30 21.38 -18.43
N THR A 148 -18.22 20.54 -17.97
CA THR A 148 -18.25 20.09 -16.57
C THR A 148 -18.40 18.58 -16.50
N GLY A 149 -17.92 17.99 -15.40
CA GLY A 149 -18.03 16.55 -15.18
C GLY A 149 -16.86 15.97 -14.42
N THR A 150 -16.93 14.67 -14.16
CA THR A 150 -15.87 13.92 -13.49
C THR A 150 -15.54 12.69 -14.33
N MET A 151 -14.28 12.28 -14.30
CA MET A 151 -13.83 11.06 -14.97
C MET A 151 -12.81 10.33 -14.10
N VAL A 152 -13.00 9.02 -13.94
CA VAL A 152 -12.04 8.16 -13.27
C VAL A 152 -11.68 7.01 -14.21
N ARG A 153 -10.39 6.87 -14.49
CA ARG A 153 -9.85 5.70 -15.20
C ARG A 153 -8.99 4.93 -14.22
N PHE A 154 -9.27 3.64 -14.05
CA PHE A 154 -8.53 2.81 -13.09
C PHE A 154 -7.99 1.52 -13.71
N TRP A 155 -6.81 1.14 -13.23
CA TRP A 155 -6.13 -0.08 -13.65
C TRP A 155 -6.20 -1.02 -12.44
N PRO A 156 -7.04 -2.08 -12.51
CA PRO A 156 -7.13 -3.04 -11.39
C PRO A 156 -5.78 -3.64 -11.00
N SER A 157 -5.53 -3.75 -9.71
CA SER A 157 -4.27 -4.31 -9.22
C SER A 157 -4.18 -5.80 -9.51
N LEU A 158 -3.20 -6.19 -10.32
CA LEU A 158 -2.95 -7.61 -10.63
C LEU A 158 -2.35 -8.39 -9.45
N GLU A 159 -1.91 -7.69 -8.41
CA GLU A 159 -1.55 -8.31 -7.12
C GLU A 159 -2.78 -8.82 -6.37
N THR A 160 -3.90 -8.09 -6.47
CA THR A 160 -5.16 -8.47 -5.82
C THR A 160 -5.99 -9.40 -6.71
N PHE A 161 -6.25 -8.95 -7.94
CA PHE A 161 -7.15 -9.67 -8.85
C PHE A 161 -6.40 -10.72 -9.67
N THR A 162 -6.74 -11.98 -9.43
CA THR A 162 -6.06 -13.14 -10.02
C THR A 162 -7.02 -13.97 -10.88
N ASN A 163 -6.44 -14.85 -11.70
CA ASN A 163 -7.16 -15.76 -12.60
C ASN A 163 -8.01 -14.98 -13.63
N VAL A 164 -9.18 -14.47 -13.21
CA VAL A 164 -10.00 -13.60 -14.07
C VAL A 164 -9.48 -12.17 -13.89
N THR A 165 -8.58 -11.76 -14.79
CA THR A 165 -7.99 -10.43 -14.77
C THR A 165 -8.55 -9.47 -15.85
N GLU A 166 -9.20 -10.04 -16.87
CA GLU A 166 -9.75 -9.24 -17.98
C GLU A 166 -11.25 -9.02 -17.83
N PHE A 167 -11.71 -7.84 -18.24
CA PHE A 167 -13.13 -7.47 -18.15
C PHE A 167 -13.95 -8.12 -19.26
N GLU A 168 -14.89 -8.99 -18.90
CA GLU A 168 -15.88 -9.50 -19.84
C GLU A 168 -16.94 -8.43 -20.13
N TYR A 169 -17.15 -8.16 -21.42
CA TYR A 169 -18.08 -7.12 -21.89
C TYR A 169 -19.52 -7.33 -21.41
N GLU A 170 -20.00 -8.56 -21.52
CA GLU A 170 -21.41 -8.86 -21.25
C GLU A 170 -21.80 -8.75 -19.77
N ILE A 171 -20.86 -9.01 -18.85
CA ILE A 171 -21.11 -8.81 -17.42
C ILE A 171 -21.37 -7.33 -17.12
N LEU A 172 -20.58 -6.45 -17.74
CA LEU A 172 -20.79 -5.00 -17.61
C LEU A 172 -22.08 -4.57 -18.29
N ALA A 173 -22.28 -5.02 -19.53
CA ALA A 173 -23.49 -4.70 -20.31
C ALA A 173 -24.79 -5.10 -19.59
N LYS A 174 -24.78 -6.29 -18.97
CA LYS A 174 -25.93 -6.79 -18.21
C LYS A 174 -26.33 -5.86 -17.07
N ARG A 175 -25.35 -5.45 -16.26
CA ARG A 175 -25.61 -4.57 -15.10
C ARG A 175 -26.00 -3.16 -15.50
N LEU A 176 -25.33 -2.61 -16.51
CA LEU A 176 -25.64 -1.26 -17.00
C LEU A 176 -27.04 -1.18 -17.61
N ARG A 177 -27.48 -2.25 -18.25
CA ARG A 177 -28.86 -2.37 -18.74
C ARG A 177 -29.86 -2.29 -17.57
N GLU A 178 -29.61 -3.04 -16.50
CA GLU A 178 -30.47 -3.01 -15.31
C GLU A 178 -30.56 -1.60 -14.72
N LEU A 179 -29.41 -0.93 -14.63
CA LEU A 179 -29.32 0.43 -14.13
C LEU A 179 -30.06 1.47 -14.98
N SER A 180 -30.06 1.28 -16.30
CA SER A 180 -30.73 2.21 -17.22
C SER A 180 -32.26 2.24 -17.03
N PHE A 181 -32.86 1.08 -16.73
CA PHE A 181 -34.28 1.01 -16.37
C PHE A 181 -34.57 1.72 -15.04
N LEU A 182 -33.74 1.43 -14.03
CA LEU A 182 -33.92 2.03 -12.70
C LEU A 182 -33.67 3.54 -12.72
N ASN A 183 -32.63 3.96 -13.44
CA ASN A 183 -32.29 5.37 -13.61
C ASN A 183 -32.73 5.82 -15.00
N SER A 184 -34.04 5.96 -15.16
CA SER A 184 -34.69 6.21 -16.45
C SER A 184 -34.23 7.46 -17.19
N GLY A 185 -33.91 8.51 -16.45
CA GLY A 185 -33.43 9.76 -17.05
C GLY A 185 -32.01 9.75 -17.59
N VAL A 186 -31.19 8.78 -17.16
CA VAL A 186 -29.76 8.77 -17.45
C VAL A 186 -29.42 7.93 -18.67
N SER A 187 -28.64 8.51 -19.59
CA SER A 187 -28.07 7.78 -20.73
C SER A 187 -26.82 7.05 -20.26
N ILE A 188 -26.66 5.80 -20.69
CA ILE A 188 -25.48 4.99 -20.36
C ILE A 188 -24.90 4.38 -21.64
N ARG A 189 -23.68 4.79 -22.00
CA ARG A 189 -22.96 4.24 -23.15
C ARG A 189 -21.85 3.32 -22.67
N LEU A 190 -21.72 2.16 -23.32
CA LEU A 190 -20.67 1.19 -23.05
C LEU A 190 -19.86 1.02 -24.32
N ARG A 191 -18.54 1.18 -24.21
CA ARG A 191 -17.61 1.05 -25.35
C ARG A 191 -16.49 0.08 -25.02
N ASP A 192 -16.17 -0.79 -25.98
CA ASP A 192 -15.05 -1.72 -25.86
C ASP A 192 -14.04 -1.42 -26.96
N LYS A 193 -12.88 -0.90 -26.57
CA LYS A 193 -11.82 -0.52 -27.52
C LYS A 193 -10.96 -1.71 -27.98
N ARG A 194 -11.11 -2.88 -27.33
CA ARG A 194 -10.38 -4.08 -27.73
C ARG A 194 -10.89 -4.64 -29.06
N ASP A 195 -12.22 -4.75 -29.19
CA ASP A 195 -12.87 -5.32 -30.39
C ASP A 195 -13.93 -4.40 -31.04
N GLY A 196 -14.03 -3.14 -30.59
CA GLY A 196 -14.97 -2.18 -31.16
C GLY A 196 -16.44 -2.36 -30.83
N LYS A 197 -16.77 -3.27 -29.91
CA LYS A 197 -18.16 -3.53 -29.53
C LYS A 197 -18.69 -2.39 -28.68
N GLU A 198 -19.96 -2.03 -28.88
CA GLU A 198 -20.58 -0.90 -28.16
C GLU A 198 -22.09 -1.06 -27.98
N ASP A 199 -22.61 -0.35 -26.97
CA ASP A 199 -24.03 -0.30 -26.67
C ASP A 199 -24.43 1.06 -26.13
N HIS A 200 -25.73 1.35 -26.19
CA HIS A 200 -26.29 2.61 -25.69
C HIS A 200 -27.61 2.31 -24.97
N PHE A 201 -27.55 2.23 -23.63
CA PHE A 201 -28.70 1.94 -22.80
C PHE A 201 -29.38 3.24 -22.40
N HIS A 202 -30.63 3.43 -22.82
CA HIS A 202 -31.43 4.60 -22.45
C HIS A 202 -32.92 4.28 -22.48
N TYR A 203 -33.61 4.56 -21.38
CA TYR A 203 -35.03 4.26 -21.23
C TYR A 203 -35.88 5.27 -21.99
N LEU B 1 -0.83 3.90 7.85
CA LEU B 1 0.46 4.00 7.10
C LEU B 1 0.43 4.89 5.84
N ASP B 2 -0.76 5.22 5.33
CA ASP B 2 -0.89 6.07 4.13
C ASP B 2 -0.23 7.46 4.24
N ALA B 3 -0.12 7.99 5.46
CA ALA B 3 0.63 9.23 5.70
C ALA B 3 2.11 9.07 5.32
N VAL B 4 2.70 7.91 5.64
CA VAL B 4 4.08 7.60 5.27
C VAL B 4 4.20 7.37 3.76
N ARG B 5 3.23 6.64 3.19
CA ARG B 5 3.20 6.38 1.76
C ARG B 5 3.04 7.65 0.91
N LYS B 6 2.26 8.61 1.42
CA LYS B 6 2.08 9.92 0.75
C LYS B 6 3.37 10.72 0.58
N ARG B 7 4.20 10.74 1.63
CA ARG B 7 5.45 11.50 1.64
C ARG B 7 6.56 10.70 2.33
N PRO B 8 7.11 9.66 1.65
CA PRO B 8 8.16 8.82 2.25
C PRO B 8 9.39 9.59 2.72
N GLY B 9 9.81 10.59 1.94
CA GLY B 9 10.96 11.43 2.26
C GLY B 9 10.92 12.10 3.63
N MET B 10 9.73 12.52 4.06
CA MET B 10 9.55 13.16 5.37
C MET B 10 9.86 12.23 6.55
N TYR B 11 9.63 10.92 6.37
CA TYR B 11 9.82 9.94 7.44
C TYR B 11 11.19 9.26 7.41
N ILE B 12 11.56 8.72 6.25
CA ILE B 12 12.80 7.93 6.11
C ILE B 12 14.05 8.74 5.69
N GLY B 13 13.83 9.91 5.10
CA GLY B 13 14.93 10.73 4.55
C GLY B 13 14.97 10.63 3.04
N ASP B 14 16.05 11.12 2.44
CA ASP B 14 16.17 11.19 0.98
C ASP B 14 16.18 9.78 0.36
N THR B 15 15.20 9.52 -0.50
CA THR B 15 15.02 8.20 -1.11
C THR B 15 15.78 7.99 -2.43
N ASP B 16 16.57 8.98 -2.86
CA ASP B 16 17.36 8.89 -4.10
C ASP B 16 18.85 8.61 -3.85
N ASP B 17 19.47 9.36 -2.94
CA ASP B 17 20.94 9.31 -2.72
C ASP B 17 21.46 8.12 -1.89
N GLY B 18 20.57 7.33 -1.30
CA GLY B 18 20.96 6.13 -0.54
C GLY B 18 20.97 6.29 0.98
N THR B 19 20.86 7.52 1.48
CA THR B 19 20.84 7.77 2.93
C THR B 19 19.56 7.24 3.57
N GLY B 20 18.43 7.44 2.90
CA GLY B 20 17.16 6.86 3.31
C GLY B 20 17.15 5.34 3.30
N LEU B 21 17.74 4.75 2.26
CA LEU B 21 17.84 3.29 2.14
C LEU B 21 18.56 2.65 3.32
N HIS B 22 19.70 3.22 3.71
CA HIS B 22 20.47 2.70 4.84
C HIS B 22 19.82 3.01 6.19
N HIS B 23 19.10 4.14 6.29
CA HIS B 23 18.29 4.45 7.47
C HIS B 23 17.23 3.38 7.78
N MET B 24 16.75 2.68 6.74
CA MET B 24 15.84 1.54 6.90
C MET B 24 16.48 0.44 7.77
N VAL B 25 17.74 0.13 7.49
CA VAL B 25 18.48 -0.89 8.25
C VAL B 25 18.73 -0.42 9.68
N PHE B 26 19.18 0.82 9.84
CA PHE B 26 19.54 1.34 11.18
C PHE B 26 18.33 1.48 12.11
N GLU B 27 17.16 1.79 11.55
CA GLU B 27 15.93 1.81 12.33
C GLU B 27 15.60 0.42 12.89
N VAL B 28 15.72 -0.60 12.04
CA VAL B 28 15.47 -1.98 12.48
C VAL B 28 16.54 -2.42 13.49
N VAL B 29 17.79 -2.01 13.26
CA VAL B 29 18.90 -2.32 14.18
C VAL B 29 18.66 -1.73 15.58
N ASP B 30 18.17 -0.49 15.65
CA ASP B 30 17.83 0.14 16.94
C ASP B 30 16.81 -0.66 17.74
N ASN B 31 15.78 -1.16 17.06
CA ASN B 31 14.78 -2.03 17.69
C ASN B 31 15.38 -3.35 18.17
N ALA B 32 16.27 -3.94 17.35
CA ALA B 32 16.94 -5.20 17.70
C ALA B 32 17.87 -5.04 18.90
N ILE B 33 18.60 -3.92 18.95
CA ILE B 33 19.47 -3.61 20.10
C ILE B 33 18.66 -3.45 21.38
N ASP B 34 17.51 -2.76 21.30
CA ASP B 34 16.58 -2.64 22.43
C ASP B 34 16.15 -4.03 22.96
N GLU B 35 15.76 -4.90 22.04
CA GLU B 35 15.40 -6.29 22.39
C GLU B 35 16.58 -7.08 22.94
N ALA B 36 17.76 -6.89 22.35
CA ALA B 36 18.98 -7.58 22.80
C ALA B 36 19.40 -7.16 24.22
N LEU B 37 19.26 -5.87 24.53
CA LEU B 37 19.58 -5.34 25.87
C LEU B 37 18.78 -5.99 27.01
N ALA B 38 17.54 -6.37 26.72
CA ALA B 38 16.74 -7.21 27.62
C ALA B 38 17.07 -8.68 27.37
N GLY B 39 17.85 -9.28 28.28
CA GLY B 39 18.41 -10.63 28.09
C GLY B 39 19.88 -10.62 28.46
N HIS B 40 20.44 -11.79 28.71
CA HIS B 40 21.81 -11.91 29.24
C HIS B 40 22.88 -12.06 28.16
N CYS B 41 22.66 -12.95 27.19
CA CYS B 41 23.65 -13.21 26.13
C CYS B 41 23.82 -12.01 25.21
N LYS B 42 22.70 -11.52 24.68
CA LYS B 42 22.65 -10.33 23.83
C LYS B 42 23.48 -10.48 22.55
N GLU B 43 22.86 -11.02 21.50
CA GLU B 43 23.47 -11.03 20.16
C GLU B 43 22.46 -10.57 19.12
N ILE B 44 22.91 -9.74 18.18
CA ILE B 44 22.16 -9.45 16.96
C ILE B 44 23.01 -9.83 15.75
N ILE B 45 22.33 -10.27 14.70
CA ILE B 45 22.98 -10.63 13.44
C ILE B 45 22.30 -9.84 12.32
N VAL B 46 23.08 -9.03 11.61
CA VAL B 46 22.61 -8.28 10.45
C VAL B 46 23.19 -8.97 9.22
N THR B 47 22.31 -9.40 8.31
CA THR B 47 22.72 -10.14 7.11
C THR B 47 22.26 -9.45 5.84
N ILE B 48 23.20 -9.10 4.97
CA ILE B 48 22.89 -8.59 3.63
C ILE B 48 22.80 -9.81 2.71
N HIS B 49 21.60 -10.08 2.22
CA HIS B 49 21.36 -11.24 1.35
C HIS B 49 21.69 -10.94 -0.11
N ALA B 50 21.83 -12.02 -0.89
CA ALA B 50 22.16 -11.95 -2.32
C ALA B 50 21.11 -11.23 -3.17
N ASP B 51 19.85 -11.27 -2.72
CA ASP B 51 18.74 -10.56 -3.39
C ASP B 51 18.57 -9.09 -2.94
N ASN B 52 19.58 -8.53 -2.27
CA ASN B 52 19.56 -7.16 -1.72
C ASN B 52 18.42 -6.88 -0.73
N SER B 53 18.02 -7.92 0.02
CA SER B 53 17.23 -7.76 1.23
C SER B 53 18.20 -7.80 2.40
N VAL B 54 17.76 -7.26 3.54
CA VAL B 54 18.55 -7.29 4.78
C VAL B 54 17.69 -7.90 5.87
N SER B 55 18.27 -8.84 6.62
CA SER B 55 17.62 -9.37 7.81
C SER B 55 18.36 -8.92 9.06
N VAL B 56 17.59 -8.66 10.12
CA VAL B 56 18.13 -8.30 11.42
C VAL B 56 17.42 -9.19 12.45
N GLN B 57 18.21 -9.92 13.22
CA GLN B 57 17.68 -10.85 14.22
C GLN B 57 18.34 -10.62 15.56
N ASP B 58 17.59 -10.83 16.64
CA ASP B 58 18.11 -10.80 17.99
C ASP B 58 17.69 -12.07 18.71
N ASP B 59 18.39 -12.42 19.77
CA ASP B 59 18.04 -13.57 20.62
C ASP B 59 17.41 -13.14 21.96
N GLY B 60 16.67 -12.03 21.93
CA GLY B 60 15.98 -11.52 23.12
C GLY B 60 14.70 -12.29 23.41
N ARG B 61 13.78 -11.65 24.11
CA ARG B 61 12.55 -12.30 24.59
C ARG B 61 11.53 -12.59 23.48
N GLY B 62 11.62 -11.84 22.37
CA GLY B 62 10.63 -11.91 21.29
C GLY B 62 9.58 -10.85 21.52
N ILE B 63 9.28 -10.04 20.49
CA ILE B 63 8.26 -8.99 20.63
C ILE B 63 6.88 -9.60 20.90
N PRO B 64 6.01 -8.89 21.66
CA PRO B 64 4.72 -9.48 22.07
C PRO B 64 3.85 -9.95 20.91
N THR B 65 3.19 -11.09 21.09
CA THR B 65 2.39 -11.74 20.04
C THR B 65 0.88 -11.81 20.33
N GLY B 66 0.47 -11.55 21.57
CA GLY B 66 -0.94 -11.64 21.95
C GLY B 66 -1.80 -10.58 21.27
N ILE B 67 -3.09 -10.87 21.14
CA ILE B 67 -4.03 -9.96 20.48
C ILE B 67 -4.19 -8.70 21.32
N HIS B 68 -4.05 -7.54 20.68
CA HIS B 68 -4.23 -6.23 21.32
C HIS B 68 -5.73 -6.02 21.55
N PRO B 69 -6.16 -5.79 22.80
CA PRO B 69 -7.60 -5.67 23.12
C PRO B 69 -8.40 -4.66 22.27
N GLU B 70 -7.81 -3.50 22.00
CA GLU B 70 -8.46 -2.44 21.22
C GLU B 70 -8.37 -2.69 19.71
N GLU B 71 -7.14 -2.90 19.22
CA GLU B 71 -6.87 -3.01 17.78
C GLU B 71 -7.40 -4.31 17.16
N GLY B 72 -7.52 -5.36 17.98
CA GLY B 72 -8.07 -6.65 17.54
C GLY B 72 -7.14 -7.48 16.66
N VAL B 73 -5.84 -7.17 16.70
CA VAL B 73 -4.82 -7.94 15.98
C VAL B 73 -3.64 -8.15 16.92
N SER B 74 -2.71 -9.03 16.53
CA SER B 74 -1.52 -9.33 17.35
C SER B 74 -0.74 -8.05 17.65
N ALA B 75 -0.18 -7.98 18.86
CA ALA B 75 0.65 -6.83 19.27
C ALA B 75 1.80 -6.60 18.28
N ALA B 76 2.35 -7.68 17.72
CA ALA B 76 3.37 -7.60 16.67
C ALA B 76 2.86 -6.84 15.44
N GLU B 77 1.65 -7.15 14.99
CA GLU B 77 1.05 -6.45 13.85
C GLU B 77 0.82 -4.96 14.13
N VAL B 78 0.41 -4.64 15.37
CA VAL B 78 0.23 -3.25 15.79
C VAL B 78 1.56 -2.50 15.67
N ILE B 79 2.64 -3.10 16.15
CA ILE B 79 3.99 -2.52 16.05
C ILE B 79 4.40 -2.30 14.58
N MET B 80 4.07 -3.26 13.71
CA MET B 80 4.41 -3.18 12.29
C MET B 80 3.51 -2.24 11.45
N THR B 81 2.29 -1.95 11.92
CA THR B 81 1.30 -1.20 11.10
C THR B 81 0.78 0.12 11.69
N VAL B 82 1.22 0.51 12.88
CA VAL B 82 0.78 1.76 13.52
C VAL B 82 1.96 2.74 13.65
N LEU B 83 1.74 3.98 13.22
CA LEU B 83 2.78 4.99 13.14
C LEU B 83 3.11 5.61 14.51
N GLY B 102 13.23 6.61 17.55
CA GLY B 102 13.43 6.85 16.11
C GLY B 102 12.11 6.99 15.35
N VAL B 103 12.14 6.62 14.08
CA VAL B 103 10.97 6.75 13.18
C VAL B 103 9.93 5.63 13.30
N GLY B 104 10.30 4.52 13.95
CA GLY B 104 9.44 3.35 14.10
C GLY B 104 9.66 2.33 12.99
N VAL B 105 9.57 1.05 13.36
CA VAL B 105 9.67 -0.06 12.41
C VAL B 105 8.52 -0.08 11.38
N SER B 106 7.37 0.50 11.74
CA SER B 106 6.23 0.61 10.82
C SER B 106 6.53 1.43 9.57
N VAL B 107 7.44 2.40 9.67
CA VAL B 107 7.91 3.16 8.50
C VAL B 107 8.69 2.24 7.55
N VAL B 108 9.56 1.40 8.11
CA VAL B 108 10.35 0.44 7.33
C VAL B 108 9.44 -0.57 6.63
N ASN B 109 8.41 -1.02 7.35
CA ASN B 109 7.40 -1.93 6.81
C ASN B 109 6.64 -1.30 5.64
N ALA B 110 6.16 -0.07 5.85
CA ALA B 110 5.42 0.67 4.83
C ALA B 110 6.22 0.85 3.53
N LEU B 111 7.52 1.12 3.65
CA LEU B 111 8.40 1.35 2.50
C LEU B 111 9.17 0.10 2.03
N SER B 112 8.74 -1.08 2.45
CA SER B 112 9.31 -2.35 1.99
C SER B 112 8.30 -3.08 1.12
N GLN B 113 8.70 -3.44 -0.10
CA GLN B 113 7.84 -4.24 -0.99
C GLN B 113 7.53 -5.65 -0.44
N LYS B 114 8.43 -6.18 0.38
CA LYS B 114 8.17 -7.38 1.17
C LYS B 114 8.85 -7.27 2.53
N LEU B 115 8.20 -7.82 3.56
CA LEU B 115 8.80 -7.92 4.90
C LEU B 115 8.33 -9.21 5.57
N GLU B 116 9.29 -9.98 6.08
CA GLU B 116 9.02 -11.24 6.77
C GLU B 116 9.34 -11.08 8.25
N LEU B 117 8.39 -11.45 9.10
CA LEU B 117 8.54 -11.37 10.55
C LEU B 117 8.52 -12.77 11.14
N VAL B 118 9.52 -13.09 11.96
CA VAL B 118 9.60 -14.37 12.66
C VAL B 118 9.88 -14.11 14.15
N ILE B 119 8.94 -14.50 15.01
CA ILE B 119 9.05 -14.29 16.46
C ILE B 119 9.06 -15.63 17.16
N GLN B 120 10.11 -15.89 17.94
CA GLN B 120 10.24 -17.09 18.75
C GLN B 120 10.04 -16.70 20.22
N ARG B 121 8.99 -17.25 20.83
CA ARG B 121 8.51 -16.79 22.14
C ARG B 121 7.57 -17.82 22.76
N GLU B 122 7.75 -18.09 24.07
CA GLU B 122 6.93 -19.06 24.81
C GLU B 122 6.86 -20.45 24.15
N GLY B 123 7.99 -20.90 23.61
CA GLY B 123 8.09 -22.20 22.96
C GLY B 123 7.47 -22.33 21.57
N LYS B 124 7.08 -21.21 20.96
CA LYS B 124 6.36 -21.21 19.68
C LYS B 124 7.01 -20.28 18.65
N ILE B 125 7.01 -20.72 17.39
CA ILE B 125 7.48 -19.90 16.26
C ILE B 125 6.26 -19.22 15.65
N HIS B 126 6.31 -17.89 15.57
CA HIS B 126 5.24 -17.08 14.97
C HIS B 126 5.77 -16.48 13.67
N ARG B 127 4.98 -16.58 12.59
CA ARG B 127 5.39 -16.09 11.27
C ARG B 127 4.32 -15.20 10.64
N GLN B 128 4.76 -14.10 10.02
CA GLN B 128 3.87 -13.21 9.28
C GLN B 128 4.61 -12.55 8.14
N ILE B 129 3.90 -12.33 7.03
CA ILE B 129 4.46 -11.73 5.82
C ILE B 129 3.69 -10.45 5.51
N TYR B 130 4.43 -9.39 5.17
CA TYR B 130 3.86 -8.12 4.74
C TYR B 130 4.34 -7.79 3.33
N GLU B 131 3.53 -7.03 2.59
CA GLU B 131 3.93 -6.44 1.31
C GLU B 131 3.46 -4.99 1.28
N HIS B 132 4.40 -4.06 1.15
CA HIS B 132 4.11 -2.61 1.20
C HIS B 132 3.33 -2.20 2.45
N GLY B 133 3.66 -2.82 3.58
CA GLY B 133 3.00 -2.56 4.87
C GLY B 133 1.71 -3.32 5.14
N VAL B 134 1.22 -4.07 4.16
CA VAL B 134 -0.05 -4.79 4.26
C VAL B 134 0.21 -6.24 4.66
N PRO B 135 -0.34 -6.69 5.81
CA PRO B 135 -0.15 -8.10 6.18
C PRO B 135 -0.91 -9.05 5.25
N GLN B 136 -0.26 -10.12 4.81
CA GLN B 136 -0.86 -11.09 3.90
C GLN B 136 -1.76 -12.08 4.63
N ALA B 137 -1.49 -12.29 5.92
CA ALA B 137 -2.36 -13.05 6.79
C ALA B 137 -2.11 -12.62 8.25
N PRO B 138 -2.99 -13.01 9.19
CA PRO B 138 -2.69 -12.76 10.60
C PRO B 138 -1.47 -13.53 11.09
N LEU B 139 -0.80 -12.99 12.10
CA LEU B 139 0.33 -13.67 12.75
C LEU B 139 -0.09 -15.08 13.15
N ALA B 140 0.70 -16.07 12.74
CA ALA B 140 0.34 -17.48 12.90
C ALA B 140 1.46 -18.26 13.59
N VAL B 141 1.09 -19.11 14.54
CA VAL B 141 2.02 -20.06 15.15
C VAL B 141 2.20 -21.20 14.15
N THR B 142 3.41 -21.33 13.61
CA THR B 142 3.73 -22.33 12.60
C THR B 142 4.44 -23.57 13.17
N GLY B 143 5.04 -23.45 14.34
CA GLY B 143 5.76 -24.58 14.94
C GLY B 143 6.25 -24.35 16.35
N GLU B 144 7.26 -25.12 16.74
CA GLU B 144 7.81 -25.10 18.10
C GLU B 144 9.30 -24.75 18.08
N THR B 145 9.79 -24.27 19.21
CA THR B 145 11.19 -23.86 19.33
C THR B 145 11.65 -23.81 20.79
N GLU B 146 12.92 -24.11 21.01
CA GLU B 146 13.56 -23.94 22.32
C GLU B 146 14.12 -22.52 22.50
N LYS B 147 14.36 -21.83 21.37
CA LYS B 147 15.00 -20.52 21.37
C LYS B 147 13.97 -19.39 21.46
N THR B 148 14.47 -18.18 21.75
CA THR B 148 13.66 -16.97 21.77
C THR B 148 14.30 -15.90 20.90
N GLY B 149 13.49 -14.95 20.43
CA GLY B 149 13.98 -13.82 19.64
C GLY B 149 13.03 -13.32 18.57
N THR B 150 13.45 -12.25 17.89
CA THR B 150 12.70 -11.64 16.79
C THR B 150 13.63 -11.54 15.58
N MET B 151 13.08 -11.79 14.40
CA MET B 151 13.80 -11.58 13.14
C MET B 151 12.90 -10.86 12.15
N VAL B 152 13.43 -9.79 11.54
CA VAL B 152 12.77 -9.09 10.45
C VAL B 152 13.71 -9.15 9.25
N ARG B 153 13.17 -9.59 8.11
CA ARG B 153 13.86 -9.53 6.83
C ARG B 153 13.02 -8.69 5.89
N PHE B 154 13.61 -7.64 5.33
CA PHE B 154 12.85 -6.71 4.47
C PHE B 154 13.52 -6.48 3.12
N TRP B 155 12.69 -6.31 2.10
CA TRP B 155 13.09 -6.01 0.74
C TRP B 155 12.65 -4.57 0.52
N PRO B 156 13.60 -3.62 0.42
CA PRO B 156 13.22 -2.22 0.18
C PRO B 156 12.40 -2.04 -1.10
N SER B 157 11.40 -1.18 -1.04
CA SER B 157 10.52 -0.96 -2.20
C SER B 157 11.28 -0.22 -3.29
N LEU B 158 11.38 -0.84 -4.46
CA LEU B 158 12.00 -0.21 -5.64
C LEU B 158 11.11 0.88 -6.25
N GLU B 159 9.84 0.92 -5.88
CA GLU B 159 8.95 2.05 -6.22
C GLU B 159 9.27 3.33 -5.43
N THR B 160 9.82 3.18 -4.23
CA THR B 160 10.22 4.31 -3.38
C THR B 160 11.71 4.63 -3.54
N PHE B 161 12.55 3.60 -3.38
CA PHE B 161 14.01 3.79 -3.39
C PHE B 161 14.57 3.67 -4.81
N THR B 162 15.01 4.81 -5.34
CA THR B 162 15.53 4.92 -6.71
C THR B 162 17.03 5.24 -6.70
N ASN B 163 17.65 5.05 -7.86
CA ASN B 163 19.08 5.34 -8.09
C ASN B 163 20.00 4.43 -7.25
N VAL B 164 20.12 4.70 -5.95
CA VAL B 164 20.88 3.84 -5.03
C VAL B 164 19.90 2.84 -4.42
N THR B 165 19.96 1.59 -4.87
CA THR B 165 19.06 0.52 -4.41
C THR B 165 19.78 -0.70 -3.81
N GLU B 166 21.09 -0.59 -3.59
CA GLU B 166 21.91 -1.69 -3.08
C GLU B 166 22.64 -1.26 -1.80
N PHE B 167 22.71 -2.16 -0.83
CA PHE B 167 23.35 -1.87 0.45
C PHE B 167 24.87 -1.95 0.35
N GLU B 168 25.53 -0.83 0.67
CA GLU B 168 26.99 -0.78 0.79
C GLU B 168 27.41 -1.34 2.14
N TYR B 169 28.28 -2.34 2.12
CA TYR B 169 28.78 -3.02 3.33
C TYR B 169 29.45 -2.07 4.32
N GLU B 170 30.30 -1.19 3.78
CA GLU B 170 31.09 -0.25 4.59
C GLU B 170 30.24 0.70 5.42
N ILE B 171 29.10 1.16 4.87
CA ILE B 171 28.20 2.06 5.58
C ILE B 171 27.60 1.36 6.82
N LEU B 172 27.17 0.11 6.66
CA LEU B 172 26.63 -0.68 7.77
C LEU B 172 27.72 -1.07 8.77
N ALA B 173 28.86 -1.54 8.27
CA ALA B 173 30.00 -1.97 9.11
C ALA B 173 30.48 -0.85 10.04
N LYS B 174 30.68 0.34 9.48
CA LYS B 174 31.12 1.51 10.25
C LYS B 174 30.14 1.89 11.37
N ARG B 175 28.85 1.93 11.03
CA ARG B 175 27.81 2.29 12.00
C ARG B 175 27.66 1.27 13.13
N LEU B 176 27.68 -0.02 12.79
CA LEU B 176 27.56 -1.09 13.78
C LEU B 176 28.75 -1.14 14.73
N ARG B 177 29.95 -0.81 14.22
CA ARG B 177 31.14 -0.66 15.06
C ARG B 177 30.95 0.47 16.08
N GLU B 178 30.44 1.61 15.61
CA GLU B 178 30.18 2.77 16.50
C GLU B 178 29.14 2.40 17.56
N LEU B 179 28.07 1.72 17.14
CA LEU B 179 27.02 1.25 18.06
C LEU B 179 27.51 0.27 19.13
N SER B 180 28.45 -0.62 18.77
CA SER B 180 28.96 -1.64 19.69
C SER B 180 29.53 -1.04 20.98
N PHE B 181 30.27 0.07 20.85
CA PHE B 181 30.88 0.74 22.01
C PHE B 181 29.86 1.43 22.94
N LEU B 182 28.70 1.82 22.41
CA LEU B 182 27.62 2.38 23.24
C LEU B 182 26.76 1.32 23.93
N ASN B 183 26.77 0.09 23.42
CA ASN B 183 25.93 -0.99 23.94
C ASN B 183 26.80 -2.15 24.45
N SER B 184 27.13 -2.09 25.73
CA SER B 184 28.05 -3.04 26.35
C SER B 184 27.46 -4.43 26.49
N GLY B 185 28.25 -5.43 26.15
CA GLY B 185 27.83 -6.83 26.24
C GLY B 185 26.96 -7.33 25.10
N VAL B 186 26.67 -6.48 24.11
CA VAL B 186 25.83 -6.85 22.98
C VAL B 186 26.73 -7.26 21.83
N SER B 187 26.62 -8.52 21.41
CA SER B 187 27.36 -9.02 20.26
C SER B 187 26.63 -8.60 18.98
N ILE B 188 27.36 -7.95 18.06
CA ILE B 188 26.79 -7.52 16.80
C ILE B 188 27.58 -8.17 15.67
N ARG B 189 26.93 -9.07 14.93
CA ARG B 189 27.54 -9.73 13.77
C ARG B 189 26.99 -9.14 12.48
N LEU B 190 27.89 -8.89 11.53
CA LEU B 190 27.52 -8.42 10.20
C LEU B 190 27.99 -9.47 9.20
N ARG B 191 27.10 -9.86 8.29
CA ARG B 191 27.37 -10.89 7.28
C ARG B 191 26.91 -10.40 5.91
N ASP B 192 27.76 -10.57 4.91
CA ASP B 192 27.42 -10.26 3.52
C ASP B 192 27.44 -11.57 2.73
N LYS B 193 26.26 -12.03 2.33
CA LYS B 193 26.14 -13.27 1.56
C LYS B 193 26.45 -13.10 0.06
N ARG B 194 26.61 -11.85 -0.40
CA ARG B 194 27.00 -11.56 -1.78
C ARG B 194 28.46 -11.94 -2.06
N ASP B 195 29.35 -11.62 -1.12
CA ASP B 195 30.79 -11.94 -1.23
C ASP B 195 31.40 -12.71 -0.04
N GLY B 196 30.58 -13.10 0.93
CA GLY B 196 31.06 -13.85 2.11
C GLY B 196 31.83 -13.05 3.15
N LYS B 197 31.76 -11.72 3.08
CA LYS B 197 32.49 -10.84 4.01
C LYS B 197 31.74 -10.83 5.35
N GLU B 198 32.47 -11.04 6.44
CA GLU B 198 31.90 -11.05 7.79
C GLU B 198 32.66 -10.13 8.76
N ASP B 199 31.93 -9.63 9.76
CA ASP B 199 32.51 -8.87 10.87
C ASP B 199 31.80 -9.20 12.18
N HIS B 200 32.51 -9.07 13.29
CA HIS B 200 31.97 -9.33 14.62
C HIS B 200 32.39 -8.20 15.56
N PHE B 201 31.42 -7.35 15.93
CA PHE B 201 31.64 -6.23 16.83
C PHE B 201 31.05 -6.58 18.20
N HIS B 202 31.92 -6.68 19.21
CA HIS B 202 31.51 -7.05 20.56
C HIS B 202 32.41 -6.34 21.59
N TYR B 203 31.79 -5.50 22.42
CA TYR B 203 32.49 -4.69 23.41
C TYR B 203 31.91 -4.96 24.81
N GLU B 204 32.80 -5.25 25.77
CA GLU B 204 32.41 -5.70 27.12
C GLU B 204 32.46 -4.62 28.22
N GLY B 205 32.80 -3.38 27.85
CA GLY B 205 33.02 -2.27 28.80
C GLY B 205 31.99 -2.07 29.91
N GLY B 206 32.46 -2.08 31.15
CA GLY B 206 31.60 -1.96 32.32
C GLY B 206 31.11 -3.30 32.80
#